data_6B7E
#
_entry.id   6B7E
#
_cell.length_a   135.480
_cell.length_b   135.480
_cell.length_c   135.480
_cell.angle_alpha   90.000
_cell.angle_beta   90.000
_cell.angle_gamma   90.000
#
_symmetry.space_group_name_H-M   'I 2 3'
#
loop_
_entity.id
_entity.type
_entity.pdbx_description
1 polymer 'Phosphopantetheine adenylyltransferase'
2 non-polymer 'SULFATE ION'
3 non-polymer 'DIMETHYL SULFOXIDE'
4 non-polymer (4R)-4-[5-(difluoromethyl)-1H-imidazol-1-yl]-3,3-dimethyl-3,4-dihydro-1H-2-benzopyran-1-one
5 water water
#
_entity_poly.entity_id   1
_entity_poly.type   'polypeptide(L)'
_entity_poly.pdbx_seq_one_letter_code
;MQKRAIYPGTFDPITNGHIDIVTRATQMFDHVILAIAASPSKKPMFTLEERVALAQQATAHLGNVEVVGFSDLMANFARN
QHATVLIRGLRAVADFEYEMQLAHMNRHLMPELESVFLMPSKEWSFISSSLVKEVARHQGDVTHFLPENVHQALMAKLAV
DHHHHHH
;
_entity_poly.pdbx_strand_id   A,B
#
loop_
_chem_comp.id
_chem_comp.type
_chem_comp.name
_chem_comp.formula
CWA non-polymer (4R)-4-[5-(difluoromethyl)-1H-imidazol-1-yl]-3,3-dimethyl-3,4-dihydro-1H-2-benzopyran-1-one 'C15 H14 F2 N2 O2'
DMS non-polymer 'DIMETHYL SULFOXIDE' 'C2 H6 O S'
SO4 non-polymer 'SULFATE ION' 'O4 S -2'
#
# COMPACT_ATOMS: atom_id res chain seq x y z
N GLN A 2 -20.09 -0.91 -0.96
CA GLN A 2 -19.33 -1.20 -2.17
C GLN A 2 -18.05 -1.99 -1.87
N LYS A 3 -16.94 -1.27 -1.65
CA LYS A 3 -15.62 -1.86 -1.54
C LYS A 3 -15.39 -2.42 -0.12
N ARG A 4 -15.18 -3.73 -0.01
CA ARG A 4 -14.96 -4.37 1.29
C ARG A 4 -13.49 -4.72 1.47
N ALA A 5 -12.90 -4.23 2.56
CA ALA A 5 -11.49 -4.47 2.85
C ALA A 5 -11.35 -5.23 4.15
N ILE A 6 -10.33 -6.07 4.22
CA ILE A 6 -10.02 -6.84 5.42
C ILE A 6 -8.62 -6.44 5.90
N TYR A 7 -8.50 -6.23 7.20
CA TYR A 7 -7.26 -5.88 7.88
C TYR A 7 -6.99 -6.98 8.90
N PRO A 8 -6.30 -8.05 8.51
CA PRO A 8 -6.07 -9.15 9.44
C PRO A 8 -4.81 -8.99 10.27
N GLY A 9 -4.81 -9.68 11.40
CA GLY A 9 -3.63 -9.74 12.24
C GLY A 9 -3.95 -10.53 13.49
N THR A 10 -2.95 -10.60 14.37
CA THR A 10 -3.14 -11.25 15.66
C THR A 10 -3.60 -10.26 16.72
N PHE A 11 -3.27 -8.99 16.60
CA PHE A 11 -3.73 -7.91 17.49
C PHE A 11 -3.69 -8.33 18.97
N ASP A 12 -2.49 -8.72 19.41
CA ASP A 12 -2.25 -9.30 20.74
C ASP A 12 -1.25 -8.46 21.53
N PRO A 13 -1.63 -7.27 22.00
CA PRO A 13 -2.95 -6.63 21.84
C PRO A 13 -2.92 -5.61 20.74
N ILE A 14 -4.09 -5.06 20.41
CA ILE A 14 -4.12 -3.97 19.45
C ILE A 14 -3.37 -2.76 20.01
N THR A 15 -2.54 -2.13 19.17
CA THR A 15 -1.74 -0.98 19.57
C THR A 15 -2.22 0.27 18.84
N ASN A 16 -1.64 1.41 19.24
CA ASN A 16 -1.94 2.65 18.51
C ASN A 16 -1.47 2.57 17.06
N GLY A 17 -0.43 1.78 16.78
CA GLY A 17 -0.06 1.52 15.40
C GLY A 17 -1.17 0.87 14.60
N HIS A 18 -1.86 -0.11 15.20
CA HIS A 18 -2.99 -0.73 14.51
C HIS A 18 -4.13 0.23 14.32
N ILE A 19 -4.43 1.07 15.34
CA ILE A 19 -5.50 2.05 15.22
C ILE A 19 -5.20 3.03 14.08
N ASP A 20 -3.95 3.48 13.98
CA ASP A 20 -3.57 4.39 12.91
CA ASP A 20 -3.56 4.39 12.90
C ASP A 20 -3.87 3.77 11.54
N ILE A 21 -3.45 2.52 11.34
CA ILE A 21 -3.66 1.84 10.06
C ILE A 21 -5.15 1.67 9.77
N VAL A 22 -5.92 1.15 10.74
CA VAL A 22 -7.32 0.86 10.41
C VAL A 22 -8.07 2.16 10.19
N THR A 23 -7.68 3.22 10.87
CA THR A 23 -8.33 4.52 10.65
C THR A 23 -8.08 5.01 9.24
N ARG A 24 -6.82 4.94 8.78
CA ARG A 24 -6.54 5.30 7.40
C ARG A 24 -7.34 4.43 6.44
N ALA A 25 -7.45 3.12 6.71
CA ALA A 25 -8.22 2.24 5.83
C ALA A 25 -9.68 2.67 5.76
N THR A 26 -10.29 3.06 6.89
CA THR A 26 -11.70 3.44 6.88
C THR A 26 -11.95 4.71 6.11
N GLN A 27 -10.94 5.56 5.93
CA GLN A 27 -11.11 6.78 5.15
C GLN A 27 -11.03 6.52 3.65
N MET A 28 -10.58 5.32 3.27
CA MET A 28 -10.35 4.89 1.89
C MET A 28 -11.41 3.92 1.37
N PHE A 29 -11.93 3.05 2.23
CA PHE A 29 -12.81 1.97 1.82
C PHE A 29 -14.12 1.99 2.60
N ASP A 30 -15.17 1.50 1.94
CA ASP A 30 -16.53 1.65 2.47
CA ASP A 30 -16.54 1.63 2.46
C ASP A 30 -16.72 0.83 3.75
N HIS A 31 -16.23 -0.39 3.77
CA HIS A 31 -16.35 -1.25 4.93
C HIS A 31 -15.02 -1.95 5.20
N VAL A 32 -14.55 -1.88 6.44
CA VAL A 32 -13.28 -2.47 6.85
C VAL A 32 -13.54 -3.53 7.91
N ILE A 33 -13.20 -4.78 7.60
CA ILE A 33 -13.25 -5.86 8.57
C ILE A 33 -11.91 -5.94 9.29
N LEU A 34 -11.90 -5.67 10.59
CA LEU A 34 -10.69 -5.89 11.39
C LEU A 34 -10.76 -7.32 11.86
N ALA A 35 -9.87 -8.15 11.31
CA ALA A 35 -9.99 -9.60 11.39
C ALA A 35 -8.90 -10.13 12.30
N ILE A 36 -9.30 -10.73 13.41
CA ILE A 36 -8.37 -11.16 14.44
C ILE A 36 -8.18 -12.66 14.33
N ALA A 37 -6.96 -13.11 14.00
CA ALA A 37 -6.64 -14.53 13.91
C ALA A 37 -6.83 -15.23 15.25
N ALA A 38 -7.57 -16.35 15.20
CA ALA A 38 -8.05 -16.99 16.43
C ALA A 38 -6.96 -17.73 17.19
N SER A 39 -6.31 -18.69 16.54
CA SER A 39 -5.40 -19.61 17.21
C SER A 39 -4.00 -19.52 16.62
N PRO A 40 -3.31 -18.42 16.82
CA PRO A 40 -1.93 -18.33 16.37
C PRO A 40 -1.10 -19.41 17.04
N SER A 41 -0.05 -19.86 16.33
CA SER A 41 0.80 -20.89 16.89
C SER A 41 1.57 -20.38 18.09
N LYS A 42 1.89 -19.09 18.11
CA LYS A 42 2.49 -18.47 19.29
C LYS A 42 1.37 -18.13 20.25
N LYS A 43 1.36 -18.79 21.41
CA LYS A 43 0.33 -18.62 22.44
C LYS A 43 0.14 -17.14 22.77
N PRO A 44 -0.90 -16.51 22.22
CA PRO A 44 -1.06 -15.07 22.39
C PRO A 44 -1.27 -14.73 23.86
N MET A 45 -0.82 -13.52 24.24
CA MET A 45 -0.98 -13.08 25.62
C MET A 45 -2.46 -12.96 26.00
N PHE A 46 -3.28 -12.41 25.12
CA PHE A 46 -4.71 -12.28 25.39
C PHE A 46 -5.47 -13.32 24.59
N THR A 47 -6.60 -13.79 25.15
CA THR A 47 -7.42 -14.77 24.45
C THR A 47 -8.08 -14.12 23.24
N LEU A 48 -8.64 -14.95 22.36
CA LEU A 48 -9.35 -14.38 21.21
C LEU A 48 -10.52 -13.51 21.64
N GLU A 49 -11.28 -13.96 22.63
CA GLU A 49 -12.38 -13.13 23.09
C GLU A 49 -11.87 -11.81 23.67
N GLU A 50 -10.71 -11.84 24.32
CA GLU A 50 -10.16 -10.61 24.88
C GLU A 50 -9.70 -9.68 23.76
N ARG A 51 -8.92 -10.23 22.82
CA ARG A 51 -8.44 -9.41 21.71
C ARG A 51 -9.60 -8.80 20.95
N VAL A 52 -10.65 -9.59 20.66
CA VAL A 52 -11.81 -9.04 19.95
C VAL A 52 -12.49 -7.94 20.77
N ALA A 53 -12.69 -8.17 22.08
CA ALA A 53 -13.42 -7.14 22.82
C ALA A 53 -12.58 -5.87 22.98
N LEU A 54 -11.27 -6.00 23.18
CA LEU A 54 -10.41 -4.82 23.26
C LEU A 54 -10.43 -4.04 21.95
N ALA A 55 -10.40 -4.76 20.82
CA ALA A 55 -10.36 -4.10 19.52
C ALA A 55 -11.70 -3.44 19.18
N GLN A 56 -12.80 -4.09 19.55
CA GLN A 56 -14.12 -3.47 19.39
C GLN A 56 -14.20 -2.16 20.14
N GLN A 57 -13.78 -2.18 21.41
CA GLN A 57 -13.83 -0.98 22.21
C GLN A 57 -12.93 0.12 21.63
N ALA A 58 -11.73 -0.25 21.20
CA ALA A 58 -10.80 0.78 20.72
C ALA A 58 -11.16 1.32 19.33
N THR A 59 -12.01 0.64 18.56
CA THR A 59 -12.43 1.14 17.24
C THR A 59 -13.89 1.55 17.20
N ALA A 60 -14.57 1.59 18.36
CA ALA A 60 -16.02 1.79 18.33
C ALA A 60 -16.39 3.13 17.72
N HIS A 61 -15.51 4.12 17.75
CA HIS A 61 -15.77 5.41 17.15
C HIS A 61 -15.75 5.39 15.62
N LEU A 62 -15.24 4.33 15.00
CA LEU A 62 -15.14 4.26 13.54
C LEU A 62 -16.37 3.53 13.05
N GLY A 63 -17.24 4.25 12.33
CA GLY A 63 -18.52 3.69 11.96
C GLY A 63 -18.43 2.46 11.09
N ASN A 64 -17.45 2.42 10.18
CA ASN A 64 -17.46 1.37 9.16
C ASN A 64 -16.42 0.30 9.42
N VAL A 65 -16.12 0.04 10.70
CA VAL A 65 -15.24 -1.04 11.11
C VAL A 65 -16.11 -2.13 11.72
N GLU A 66 -15.80 -3.37 11.37
CA GLU A 66 -16.42 -4.55 11.94
C GLU A 66 -15.31 -5.43 12.47
N VAL A 67 -15.30 -5.70 13.77
CA VAL A 67 -14.28 -6.57 14.36
C VAL A 67 -14.82 -7.99 14.43
N VAL A 68 -14.09 -8.94 13.85
CA VAL A 68 -14.49 -10.33 13.81
C VAL A 68 -13.25 -11.19 14.00
N GLY A 69 -13.45 -12.33 14.65
CA GLY A 69 -12.38 -13.30 14.79
C GLY A 69 -12.47 -14.31 13.65
N PHE A 70 -11.34 -14.93 13.33
CA PHE A 70 -11.37 -15.96 12.31
C PHE A 70 -10.27 -16.96 12.62
N SER A 71 -10.50 -18.22 12.24
CA SER A 71 -9.51 -19.27 12.43
C SER A 71 -9.10 -19.95 11.12
N ASP A 72 -9.76 -19.65 10.00
CA ASP A 72 -9.32 -20.22 8.73
C ASP A 72 -8.04 -19.53 8.30
N LEU A 73 -7.46 -20.06 7.23
CA LEU A 73 -6.47 -19.31 6.48
C LEU A 73 -7.07 -17.97 6.11
N MET A 74 -6.28 -16.91 6.32
CA MET A 74 -6.76 -15.56 6.07
C MET A 74 -7.44 -15.45 4.71
N ALA A 75 -6.78 -15.94 3.66
CA ALA A 75 -7.36 -15.81 2.33
C ALA A 75 -8.71 -16.52 2.26
N ASN A 76 -8.83 -17.73 2.84
CA ASN A 76 -10.13 -18.40 2.84
C ASN A 76 -11.19 -17.53 3.52
N PHE A 77 -10.85 -16.94 4.67
CA PHE A 77 -11.84 -16.08 5.34
C PHE A 77 -12.18 -14.84 4.50
N ALA A 78 -11.16 -14.21 3.91
CA ALA A 78 -11.40 -13.04 3.07
C ALA A 78 -12.32 -13.39 1.91
N ARG A 79 -12.09 -14.56 1.30
CA ARG A 79 -12.94 -15.01 0.20
C ARG A 79 -14.39 -15.17 0.67
N ASN A 80 -14.59 -15.86 1.80
CA ASN A 80 -15.94 -16.06 2.34
C ASN A 80 -16.60 -14.75 2.80
N GLN A 81 -15.81 -13.72 3.07
CA GLN A 81 -16.35 -12.42 3.46
C GLN A 81 -16.53 -11.47 2.27
N HIS A 82 -16.23 -11.93 1.05
CA HIS A 82 -16.35 -11.08 -0.15
C HIS A 82 -15.53 -9.79 -0.01
N ALA A 83 -14.30 -9.94 0.49
CA ALA A 83 -13.36 -8.82 0.51
C ALA A 83 -12.53 -8.88 -0.76
N THR A 84 -12.26 -7.71 -1.34
CA THR A 84 -11.35 -7.64 -2.47
C THR A 84 -10.11 -6.80 -2.17
N VAL A 85 -10.00 -6.25 -0.96
CA VAL A 85 -8.83 -5.46 -0.58
C VAL A 85 -8.29 -6.02 0.73
N LEU A 86 -6.99 -6.26 0.76
CA LEU A 86 -6.30 -6.76 1.93
C LEU A 86 -5.38 -5.66 2.45
N ILE A 87 -5.67 -5.14 3.63
CA ILE A 87 -4.91 -4.03 4.18
C ILE A 87 -3.72 -4.60 4.91
N ARG A 88 -2.53 -4.10 4.59
CA ARG A 88 -1.35 -4.48 5.36
C ARG A 88 -0.66 -3.19 5.79
N GLY A 89 -0.13 -3.18 7.01
CA GLY A 89 0.60 -2.02 7.49
C GLY A 89 2.07 -2.22 7.20
N LEU A 90 2.72 -1.16 6.75
CA LEU A 90 4.12 -1.19 6.32
C LEU A 90 4.95 -0.30 7.20
N ARG A 91 5.75 -0.92 8.07
CA ARG A 91 6.62 -0.16 8.97
C ARG A 91 8.07 0.00 8.49
N ALA A 92 8.84 -1.09 8.43
CA ALA A 92 10.26 -1.01 8.12
C ALA A 92 10.62 -2.06 7.08
N VAL A 93 11.88 -2.01 6.62
CA VAL A 93 12.28 -2.83 5.47
C VAL A 93 12.18 -4.32 5.78
N ALA A 94 12.46 -4.74 7.01
CA ALA A 94 12.38 -6.17 7.30
C ALA A 94 10.93 -6.65 7.29
N ASP A 95 10.00 -5.80 7.72
CA ASP A 95 8.59 -6.07 7.52
C ASP A 95 8.31 -6.33 6.05
N PHE A 96 8.78 -5.40 5.22
CA PHE A 96 8.57 -5.40 3.78
C PHE A 96 8.91 -6.73 3.12
N GLU A 97 10.07 -7.32 3.46
CA GLU A 97 10.46 -8.57 2.81
C GLU A 97 9.46 -9.68 3.09
N TYR A 98 9.07 -9.87 4.35
CA TYR A 98 8.05 -10.86 4.68
C TYR A 98 6.71 -10.53 4.03
N GLU A 99 6.34 -9.24 4.01
CA GLU A 99 5.07 -8.84 3.43
C GLU A 99 5.01 -9.18 1.93
N MET A 100 6.13 -9.05 1.23
CA MET A 100 6.17 -9.38 -0.19
CA MET A 100 6.14 -9.37 -0.19
C MET A 100 5.96 -10.87 -0.42
N GLN A 101 6.55 -11.70 0.44
CA GLN A 101 6.33 -13.14 0.30
C GLN A 101 4.88 -13.49 0.62
N LEU A 102 4.35 -12.91 1.70
CA LEU A 102 2.96 -13.13 2.07
C LEU A 102 2.02 -12.65 0.98
N ALA A 103 2.28 -11.46 0.43
CA ALA A 103 1.36 -10.91 -0.56
C ALA A 103 1.34 -11.75 -1.82
N HIS A 104 2.50 -12.24 -2.27
CA HIS A 104 2.51 -13.10 -3.46
C HIS A 104 1.80 -14.42 -3.19
N MET A 105 1.98 -14.98 -2.00
CA MET A 105 1.24 -16.20 -1.66
C MET A 105 -0.27 -15.94 -1.64
N ASN A 106 -0.70 -14.85 -0.99
CA ASN A 106 -2.12 -14.54 -0.95
C ASN A 106 -2.67 -14.31 -2.35
N ARG A 107 -1.87 -13.72 -3.24
CA ARG A 107 -2.31 -13.52 -4.60
C ARG A 107 -2.50 -14.85 -5.32
N HIS A 108 -1.57 -15.79 -5.10
CA HIS A 108 -1.73 -17.15 -5.61
C HIS A 108 -3.00 -17.80 -5.07
N LEU A 109 -3.29 -17.62 -3.79
CA LEU A 109 -4.42 -18.31 -3.19
C LEU A 109 -5.74 -17.63 -3.55
N MET A 110 -5.73 -16.31 -3.74
CA MET A 110 -6.95 -15.58 -4.05
C MET A 110 -6.58 -14.38 -4.87
N PRO A 111 -6.55 -14.52 -6.20
CA PRO A 111 -6.07 -13.40 -7.03
C PRO A 111 -7.00 -12.20 -7.04
N GLU A 112 -8.26 -12.37 -6.69
CA GLU A 112 -9.20 -11.27 -6.65
C GLU A 112 -9.10 -10.47 -5.35
N LEU A 113 -8.22 -10.87 -4.43
CA LEU A 113 -7.90 -10.10 -3.23
C LEU A 113 -6.64 -9.29 -3.51
N GLU A 114 -6.76 -7.97 -3.52
CA GLU A 114 -5.62 -7.12 -3.80
C GLU A 114 -4.98 -6.65 -2.49
N SER A 115 -3.69 -6.88 -2.33
CA SER A 115 -3.02 -6.40 -1.13
C SER A 115 -2.70 -4.92 -1.29
N VAL A 116 -3.02 -4.12 -0.28
CA VAL A 116 -2.62 -2.73 -0.28
C VAL A 116 -1.86 -2.41 1.00
N PHE A 117 -0.74 -1.74 0.84
CA PHE A 117 0.11 -1.40 1.96
C PHE A 117 -0.09 0.07 2.32
N LEU A 118 -0.44 0.30 3.58
CA LEU A 118 -0.62 1.62 4.12
C LEU A 118 0.55 1.95 5.04
N MET A 119 0.80 3.22 5.21
CA MET A 119 1.96 3.61 5.96
C MET A 119 1.56 4.31 7.26
N PRO A 120 2.07 3.88 8.39
CA PRO A 120 1.66 4.48 9.65
C PRO A 120 2.39 5.80 9.88
N SER A 121 1.83 6.57 10.81
CA SER A 121 2.51 7.76 11.31
C SER A 121 3.95 7.45 11.71
N LYS A 122 4.83 8.44 11.57
CA LYS A 122 6.19 8.31 12.12
C LYS A 122 6.12 7.89 13.58
N GLU A 123 5.07 8.34 14.28
CA GLU A 123 4.94 8.11 15.71
C GLU A 123 4.94 6.63 16.05
N TRP A 124 4.38 5.79 15.17
CA TRP A 124 4.22 4.37 15.41
C TRP A 124 5.08 3.53 14.50
N SER A 125 6.01 4.15 13.77
CA SER A 125 6.82 3.46 12.76
C SER A 125 7.89 2.56 13.34
N PHE A 126 8.04 2.49 14.67
CA PHE A 126 9.12 1.70 15.28
C PHE A 126 8.63 0.80 16.41
N ILE A 127 7.32 0.55 16.52
CA ILE A 127 6.79 -0.31 17.57
C ILE A 127 6.12 -1.52 16.94
N SER A 128 5.86 -2.51 17.80
CA SER A 128 5.16 -3.73 17.45
C SER A 128 4.48 -4.24 18.71
N SER A 129 3.46 -5.09 18.53
CA SER A 129 2.85 -5.71 19.69
C SER A 129 3.90 -6.44 20.53
N SER A 130 4.86 -7.07 19.85
CA SER A 130 5.84 -7.90 20.56
CA SER A 130 5.85 -7.90 20.54
C SER A 130 6.75 -7.06 21.43
N LEU A 131 7.31 -5.99 20.88
CA LEU A 131 8.17 -5.11 21.65
C LEU A 131 7.40 -4.47 22.80
N VAL A 132 6.16 -4.07 22.55
CA VAL A 132 5.38 -3.45 23.62
C VAL A 132 5.16 -4.43 24.76
N LYS A 133 4.74 -5.65 24.42
CA LYS A 133 4.55 -6.69 25.42
C LYS A 133 5.85 -6.93 26.19
N GLU A 134 6.97 -7.09 25.48
CA GLU A 134 8.24 -7.38 26.14
C GLU A 134 8.63 -6.25 27.09
N VAL A 135 8.42 -5.00 26.68
CA VAL A 135 8.74 -3.87 27.54
C VAL A 135 7.84 -3.87 28.78
N ALA A 136 6.53 -4.05 28.58
CA ALA A 136 5.61 -4.05 29.70
C ALA A 136 5.87 -5.21 30.65
N ARG A 137 6.21 -6.39 30.12
CA ARG A 137 6.50 -7.54 30.96
C ARG A 137 7.70 -7.29 31.86
N HIS A 138 8.62 -6.44 31.43
CA HIS A 138 9.80 -6.13 32.22
C HIS A 138 9.70 -4.78 32.88
N GLN A 139 8.48 -4.36 33.21
CA GLN A 139 8.22 -3.18 34.02
C GLN A 139 8.59 -1.87 33.31
N GLY A 140 8.42 -1.81 31.97
CA GLY A 140 8.54 -0.57 31.22
C GLY A 140 7.21 0.10 30.99
N ASP A 141 7.26 1.42 30.76
CA ASP A 141 6.08 2.23 30.51
C ASP A 141 5.68 2.18 29.02
N VAL A 142 4.58 1.50 28.69
CA VAL A 142 4.06 1.43 27.34
C VAL A 142 2.74 2.20 27.20
N THR A 143 2.43 3.10 28.13
CA THR A 143 1.16 3.82 28.09
C THR A 143 0.96 4.57 26.78
N HIS A 144 2.03 5.12 26.23
CA HIS A 144 1.91 5.96 25.05
C HIS A 144 1.52 5.16 23.80
N PHE A 145 1.67 3.84 23.81
CA PHE A 145 1.55 3.03 22.61
C PHE A 145 0.20 2.35 22.49
N LEU A 146 -0.65 2.46 23.52
CA LEU A 146 -1.84 1.62 23.56
C LEU A 146 -3.08 2.48 23.75
N PRO A 147 -4.21 2.07 23.21
CA PRO A 147 -5.47 2.69 23.64
C PRO A 147 -5.66 2.46 25.14
N GLU A 148 -6.29 3.43 25.78
CA GLU A 148 -6.45 3.38 27.23
C GLU A 148 -7.05 2.05 27.69
N ASN A 149 -8.10 1.57 27.02
CA ASN A 149 -8.73 0.31 27.42
C ASN A 149 -7.72 -0.84 27.35
N VAL A 150 -6.86 -0.81 26.34
CA VAL A 150 -5.83 -1.84 26.22
C VAL A 150 -4.80 -1.70 27.32
N HIS A 151 -4.39 -0.47 27.62
CA HIS A 151 -3.46 -0.23 28.71
C HIS A 151 -3.98 -0.79 30.03
N GLN A 152 -5.26 -0.55 30.33
CA GLN A 152 -5.84 -1.10 31.56
CA GLN A 152 -5.83 -1.09 31.56
C GLN A 152 -5.79 -2.61 31.59
N ALA A 153 -6.15 -3.26 30.46
CA ALA A 153 -6.20 -4.71 30.44
C ALA A 153 -4.81 -5.32 30.53
N LEU A 154 -3.81 -4.66 29.93
CA LEU A 154 -2.45 -5.18 29.99
C LEU A 154 -1.90 -5.12 31.41
N MET A 155 -2.13 -4.01 32.11
CA MET A 155 -1.72 -3.94 33.51
C MET A 155 -2.37 -5.04 34.33
N ALA A 156 -3.70 -5.19 34.21
CA ALA A 156 -4.41 -6.28 34.88
C ALA A 156 -3.80 -7.62 34.52
N LYS A 157 -3.49 -7.84 33.23
CA LYS A 157 -2.91 -9.11 32.79
C LYS A 157 -1.57 -9.37 33.46
N LEU A 158 -0.69 -8.35 33.50
CA LEU A 158 0.63 -8.57 34.05
C LEU A 158 0.66 -8.52 35.58
N ALA A 159 -0.41 -8.06 36.23
CA ALA A 159 -0.40 -8.02 37.68
C ALA A 159 -0.47 -9.43 38.27
N VAL A 160 -1.10 -10.36 37.56
CA VAL A 160 -1.30 -11.72 38.05
C VAL A 160 -0.27 -12.74 37.49
N GLN B 2 -17.42 8.81 -5.21
CA GLN B 2 -16.43 8.66 -6.28
C GLN B 2 -14.99 8.87 -5.78
N LYS B 3 -14.26 7.76 -5.61
CA LYS B 3 -12.91 7.76 -5.07
C LYS B 3 -11.91 8.05 -6.19
N ARG B 4 -11.15 9.13 -6.04
CA ARG B 4 -10.16 9.54 -7.04
C ARG B 4 -8.75 9.25 -6.55
N ALA B 5 -7.98 8.49 -7.33
CA ALA B 5 -6.62 8.14 -6.98
C ALA B 5 -5.66 8.69 -8.03
N ILE B 6 -4.47 9.09 -7.60
CA ILE B 6 -3.43 9.56 -8.52
C ILE B 6 -2.21 8.65 -8.45
N TYR B 7 -1.68 8.28 -9.62
CA TYR B 7 -0.51 7.44 -9.74
C TYR B 7 0.60 8.27 -10.40
N PRO B 8 1.43 8.94 -9.61
CA PRO B 8 2.47 9.78 -10.19
C PRO B 8 3.77 9.05 -10.43
N GLY B 9 4.55 9.58 -11.37
CA GLY B 9 5.88 9.06 -11.63
C GLY B 9 6.44 9.75 -12.85
N THR B 10 7.72 9.44 -13.13
CA THR B 10 8.41 9.99 -14.28
C THR B 10 8.06 9.26 -15.57
N PHE B 11 7.79 7.95 -15.49
CA PHE B 11 7.28 7.15 -16.60
C PHE B 11 8.07 7.39 -17.90
N ASP B 12 9.38 7.19 -17.83
CA ASP B 12 10.31 7.54 -18.92
C ASP B 12 11.10 6.32 -19.41
N PRO B 13 10.47 5.42 -20.16
CA PRO B 13 9.06 5.44 -20.57
C PRO B 13 8.24 4.55 -19.68
N ILE B 14 6.93 4.60 -19.85
CA ILE B 14 6.05 3.70 -19.12
C ILE B 14 6.37 2.25 -19.53
N THR B 15 6.45 1.34 -18.53
CA THR B 15 6.73 -0.08 -18.76
C THR B 15 5.51 -0.92 -18.46
N ASN B 16 5.63 -2.23 -18.73
CA ASN B 16 4.58 -3.17 -18.33
C ASN B 16 4.43 -3.22 -16.81
N GLY B 17 5.52 -2.94 -16.07
CA GLY B 17 5.38 -2.84 -14.63
C GLY B 17 4.42 -1.75 -14.24
N HIS B 18 4.52 -0.60 -14.91
CA HIS B 18 3.61 0.50 -14.63
C HIS B 18 2.20 0.14 -15.04
N ILE B 19 2.05 -0.54 -16.19
CA ILE B 19 0.73 -0.95 -16.64
C ILE B 19 0.09 -1.87 -15.60
N ASP B 20 0.87 -2.82 -15.09
CA ASP B 20 0.40 -3.69 -14.03
CA ASP B 20 0.41 -3.69 -14.02
C ASP B 20 -0.15 -2.88 -12.86
N ILE B 21 0.62 -1.89 -12.37
CA ILE B 21 0.20 -1.11 -11.19
C ILE B 21 -1.07 -0.32 -11.49
N VAL B 22 -1.10 0.40 -12.62
CA VAL B 22 -2.26 1.25 -12.85
C VAL B 22 -3.50 0.38 -13.06
N THR B 23 -3.32 -0.82 -13.65
CA THR B 23 -4.46 -1.73 -13.83
C THR B 23 -5.02 -2.18 -12.48
N ARG B 24 -4.13 -2.57 -11.55
CA ARG B 24 -4.59 -2.88 -10.21
C ARG B 24 -5.31 -1.69 -9.59
N ALA B 25 -4.78 -0.49 -9.82
CA ALA B 25 -5.41 0.71 -9.27
C ALA B 25 -6.83 0.92 -9.79
N THR B 26 -7.06 0.69 -11.08
CA THR B 26 -8.39 0.90 -11.64
C THR B 26 -9.38 -0.11 -11.15
N GLN B 27 -8.91 -1.26 -10.66
CA GLN B 27 -9.82 -2.25 -10.11
C GLN B 27 -10.25 -1.89 -8.70
N MET B 28 -9.53 -0.98 -8.07
CA MET B 28 -9.76 -0.58 -6.69
C MET B 28 -10.47 0.77 -6.55
N PHE B 29 -10.21 1.71 -7.45
CA PHE B 29 -10.69 3.07 -7.33
C PHE B 29 -11.46 3.50 -8.57
N ASP B 30 -12.42 4.41 -8.38
CA ASP B 30 -13.34 4.75 -9.46
C ASP B 30 -12.64 5.47 -10.61
N HIS B 31 -11.71 6.37 -10.31
CA HIS B 31 -11.03 7.16 -11.32
C HIS B 31 -9.55 7.25 -10.93
N VAL B 32 -8.66 6.97 -11.88
CA VAL B 32 -7.23 6.96 -11.63
C VAL B 32 -6.56 7.95 -12.57
N ILE B 33 -5.90 8.93 -12.00
CA ILE B 33 -5.09 9.87 -12.78
C ILE B 33 -3.67 9.34 -12.86
N LEU B 34 -3.26 8.93 -14.06
CA LEU B 34 -1.87 8.59 -14.29
CA LEU B 34 -1.87 8.58 -14.31
C LEU B 34 -1.14 9.89 -14.57
N ALA B 35 -0.29 10.31 -13.64
CA ALA B 35 0.24 11.66 -13.62
C ALA B 35 1.72 11.64 -13.88
N ILE B 36 2.14 12.25 -14.97
CA ILE B 36 3.52 12.16 -15.44
C ILE B 36 4.26 13.42 -15.02
N ALA B 37 5.18 13.26 -14.06
CA ALA B 37 6.03 14.35 -13.59
C ALA B 37 7.03 14.80 -14.65
N ALA B 38 7.22 16.11 -14.76
CA ALA B 38 8.13 16.62 -15.78
C ALA B 38 9.53 16.13 -15.51
N SER B 39 9.96 16.20 -14.24
CA SER B 39 11.25 15.73 -13.79
C SER B 39 12.44 16.14 -14.69
N PRO B 40 12.66 17.44 -14.90
CA PRO B 40 13.83 17.83 -15.70
C PRO B 40 15.17 17.46 -15.06
N SER B 41 15.25 17.36 -13.73
CA SER B 41 16.51 17.03 -13.08
C SER B 41 16.96 15.59 -13.39
N LYS B 42 16.03 14.71 -13.73
CA LYS B 42 16.37 13.35 -14.12
C LYS B 42 16.82 13.25 -15.56
N LYS B 43 16.79 14.36 -16.30
CA LYS B 43 17.09 14.44 -17.73
C LYS B 43 16.44 13.27 -18.45
N PRO B 44 15.11 13.25 -18.53
CA PRO B 44 14.41 12.11 -19.13
C PRO B 44 14.74 11.95 -20.60
N MET B 45 14.73 10.67 -21.04
CA MET B 45 14.98 10.36 -22.43
C MET B 45 13.89 10.95 -23.34
N PHE B 46 12.64 10.84 -22.91
CA PHE B 46 11.49 11.33 -23.66
C PHE B 46 10.96 12.62 -23.04
N THR B 47 10.44 13.51 -23.89
CA THR B 47 9.85 14.73 -23.36
C THR B 47 8.57 14.40 -22.60
N LEU B 48 8.11 15.38 -21.83
CA LEU B 48 6.86 15.21 -21.11
C LEU B 48 5.74 14.93 -22.08
N GLU B 49 5.69 15.67 -23.19
CA GLU B 49 4.65 15.44 -24.18
C GLU B 49 4.77 14.07 -24.80
N GLU B 50 5.99 13.57 -24.99
CA GLU B 50 6.14 12.22 -25.53
C GLU B 50 5.67 11.18 -24.52
N ARG B 51 6.12 11.31 -23.27
CA ARG B 51 5.72 10.38 -22.22
C ARG B 51 4.22 10.38 -22.05
N VAL B 52 3.58 11.55 -22.07
CA VAL B 52 2.12 11.61 -21.92
C VAL B 52 1.42 10.87 -23.05
N ALA B 53 1.87 11.06 -24.30
CA ALA B 53 1.20 10.41 -25.42
C ALA B 53 1.45 8.90 -25.40
N LEU B 54 2.65 8.47 -25.03
CA LEU B 54 2.92 7.03 -24.93
C LEU B 54 2.01 6.40 -23.89
N ALA B 55 1.86 7.05 -22.74
CA ALA B 55 1.04 6.48 -21.67
C ALA B 55 -0.44 6.55 -22.04
N GLN B 56 -0.85 7.61 -22.74
CA GLN B 56 -2.24 7.65 -23.19
C GLN B 56 -2.55 6.45 -24.05
N GLN B 57 -1.70 6.20 -25.06
CA GLN B 57 -1.92 5.07 -25.94
C GLN B 57 -1.86 3.74 -25.17
N ALA B 58 -0.88 3.61 -24.27
CA ALA B 58 -0.71 2.32 -23.59
C ALA B 58 -1.80 2.03 -22.55
N THR B 59 -2.54 3.04 -22.12
CA THR B 59 -3.61 2.84 -21.16
C THR B 59 -4.99 3.05 -21.77
N ALA B 60 -5.07 3.21 -23.09
CA ALA B 60 -6.34 3.59 -23.70
C ALA B 60 -7.43 2.53 -23.50
N HIS B 61 -7.05 1.26 -23.33
CA HIS B 61 -8.02 0.18 -23.08
C HIS B 61 -8.66 0.25 -21.70
N LEU B 62 -8.13 1.06 -20.78
CA LEU B 62 -8.65 1.16 -19.42
C LEU B 62 -9.58 2.38 -19.35
N GLY B 63 -10.87 2.13 -19.14
CA GLY B 63 -11.85 3.20 -19.22
C GLY B 63 -11.62 4.33 -18.23
N ASN B 64 -11.19 4.01 -17.01
CA ASN B 64 -11.16 5.01 -15.94
C ASN B 64 -9.75 5.51 -15.64
N VAL B 65 -8.88 5.57 -16.65
CA VAL B 65 -7.56 6.17 -16.51
C VAL B 65 -7.57 7.51 -17.25
N GLU B 66 -6.98 8.52 -16.63
CA GLU B 66 -6.78 9.81 -17.25
C GLU B 66 -5.29 10.13 -17.14
N VAL B 67 -4.63 10.34 -18.26
CA VAL B 67 -3.20 10.62 -18.27
C VAL B 67 -2.99 12.12 -18.32
N VAL B 68 -2.20 12.64 -17.40
CA VAL B 68 -1.95 14.07 -17.32
C VAL B 68 -0.46 14.29 -17.01
N GLY B 69 0.11 15.34 -17.58
CA GLY B 69 1.47 15.74 -17.26
C GLY B 69 1.46 16.85 -16.24
N PHE B 70 2.50 16.93 -15.40
CA PHE B 70 2.52 18.04 -14.44
C PHE B 70 3.93 18.38 -14.04
N SER B 71 4.14 19.64 -13.66
CA SER B 71 5.40 20.04 -13.07
C SER B 71 5.20 20.63 -11.68
N ASP B 72 4.00 20.58 -11.15
CA ASP B 72 3.74 21.11 -9.82
C ASP B 72 4.38 20.25 -8.72
N LEU B 73 4.40 20.81 -7.51
CA LEU B 73 4.58 20.01 -6.33
C LEU B 73 3.50 18.92 -6.32
N MET B 74 3.92 17.67 -6.05
CA MET B 74 3.00 16.54 -6.00
C MET B 74 1.74 16.83 -5.18
N ALA B 75 1.92 17.29 -3.95
CA ALA B 75 0.78 17.49 -3.06
C ALA B 75 -0.21 18.49 -3.65
N ASN B 76 0.29 19.62 -4.19
CA ASN B 76 -0.60 20.60 -4.82
C ASN B 76 -1.36 20.00 -6.01
N PHE B 77 -0.66 19.27 -6.89
CA PHE B 77 -1.32 18.72 -8.06
C PHE B 77 -2.41 17.74 -7.64
N ALA B 78 -2.13 16.91 -6.63
CA ALA B 78 -3.13 15.97 -6.12
C ALA B 78 -4.31 16.71 -5.51
N ARG B 79 -4.05 17.77 -4.73
CA ARG B 79 -5.15 18.57 -4.19
C ARG B 79 -5.98 19.15 -5.34
N ASN B 80 -5.30 19.68 -6.34
CA ASN B 80 -5.96 20.34 -7.45
C ASN B 80 -6.75 19.35 -8.31
N GLN B 81 -6.42 18.07 -8.25
CA GLN B 81 -7.14 17.03 -8.96
C GLN B 81 -8.20 16.38 -8.09
N HIS B 82 -8.36 16.85 -6.86
CA HIS B 82 -9.32 16.30 -5.91
C HIS B 82 -9.07 14.81 -5.66
N ALA B 83 -7.80 14.43 -5.57
CA ALA B 83 -7.45 13.05 -5.24
C ALA B 83 -7.20 12.95 -3.74
N THR B 84 -7.63 11.84 -3.16
CA THR B 84 -7.33 11.51 -1.78
C THR B 84 -6.47 10.26 -1.63
N VAL B 85 -6.09 9.61 -2.74
CA VAL B 85 -5.27 8.42 -2.73
C VAL B 85 -4.11 8.62 -3.69
N LEU B 86 -2.90 8.31 -3.23
CA LEU B 86 -1.70 8.39 -4.05
C LEU B 86 -1.10 6.98 -4.17
N ILE B 87 -1.08 6.45 -5.39
CA ILE B 87 -0.59 5.09 -5.65
C ILE B 87 0.88 5.08 -6.03
N ARG B 88 1.64 4.20 -5.39
CA ARG B 88 3.03 3.92 -5.74
C ARG B 88 3.22 2.40 -5.83
N GLY B 89 4.06 1.97 -6.76
CA GLY B 89 4.35 0.55 -6.90
C GLY B 89 5.54 0.24 -6.02
N LEU B 90 5.52 -0.94 -5.39
CA LEU B 90 6.58 -1.33 -4.46
C LEU B 90 7.32 -2.53 -5.05
N ARG B 91 8.55 -2.30 -5.50
CA ARG B 91 9.39 -3.36 -6.07
C ARG B 91 10.30 -4.05 -5.06
N ALA B 92 11.30 -3.32 -4.56
CA ALA B 92 12.35 -3.90 -3.73
C ALA B 92 12.65 -2.98 -2.55
N VAL B 93 13.54 -3.45 -1.67
CA VAL B 93 13.77 -2.78 -0.39
C VAL B 93 14.32 -1.37 -0.58
N ALA B 94 15.20 -1.16 -1.56
CA ALA B 94 15.80 0.16 -1.72
C ALA B 94 14.80 1.19 -2.25
N ASP B 95 13.86 0.77 -3.08
CA ASP B 95 12.73 1.62 -3.46
C ASP B 95 11.91 2.00 -2.23
N PHE B 96 11.59 0.98 -1.40
CA PHE B 96 10.78 1.14 -0.21
C PHE B 96 11.26 2.29 0.68
N GLU B 97 12.57 2.36 0.91
CA GLU B 97 13.14 3.41 1.75
C GLU B 97 12.86 4.79 1.19
N TYR B 98 13.11 4.99 -0.10
CA TYR B 98 12.82 6.27 -0.72
C TYR B 98 11.33 6.57 -0.68
N GLU B 99 10.48 5.56 -0.95
CA GLU B 99 9.02 5.74 -0.96
C GLU B 99 8.51 6.21 0.40
N MET B 100 9.08 5.68 1.48
CA MET B 100 8.70 6.13 2.81
CA MET B 100 8.66 6.13 2.80
C MET B 100 8.98 7.61 2.99
N GLN B 101 10.14 8.06 2.51
CA GLN B 101 10.48 9.47 2.64
C GLN B 101 9.53 10.33 1.84
N LEU B 102 9.23 9.87 0.62
CA LEU B 102 8.29 10.58 -0.23
CA LEU B 102 8.28 10.58 -0.23
C LEU B 102 6.91 10.65 0.43
N ALA B 103 6.41 9.50 0.89
CA ALA B 103 5.06 9.47 1.45
C ALA B 103 4.96 10.32 2.70
N HIS B 104 5.99 10.27 3.56
CA HIS B 104 5.97 11.12 4.75
C HIS B 104 6.07 12.59 4.38
N MET B 105 6.83 12.90 3.33
CA MET B 105 6.84 14.29 2.88
C MET B 105 5.48 14.69 2.32
N ASN B 106 4.89 13.86 1.45
CA ASN B 106 3.59 14.19 0.88
C ASN B 106 2.50 14.29 1.95
N ARG B 107 2.57 13.46 2.98
CA ARG B 107 1.61 13.52 4.06
C ARG B 107 1.74 14.83 4.83
N HIS B 108 2.98 15.26 5.09
CA HIS B 108 3.22 16.54 5.75
C HIS B 108 2.58 17.68 4.98
N LEU B 109 2.70 17.66 3.66
CA LEU B 109 2.19 18.73 2.82
C LEU B 109 0.69 18.62 2.55
N MET B 110 0.13 17.40 2.62
CA MET B 110 -1.30 17.18 2.39
C MET B 110 -1.71 15.96 3.19
N PRO B 111 -2.09 16.16 4.46
CA PRO B 111 -2.36 15.00 5.31
C PRO B 111 -3.55 14.17 4.88
N GLU B 112 -4.48 14.72 4.11
CA GLU B 112 -5.61 13.91 3.64
C GLU B 112 -5.28 13.13 2.37
N LEU B 113 -4.06 13.23 1.86
CA LEU B 113 -3.65 12.42 0.71
C LEU B 113 -2.98 11.16 1.25
N GLU B 114 -3.66 10.04 1.12
CA GLU B 114 -3.19 8.80 1.74
C GLU B 114 -2.38 8.02 0.71
N SER B 115 -1.14 7.68 1.04
CA SER B 115 -0.34 6.88 0.12
C SER B 115 -0.72 5.40 0.23
N VAL B 116 -0.89 4.74 -0.91
CA VAL B 116 -1.12 3.30 -0.93
CA VAL B 116 -1.17 3.31 -0.98
C VAL B 116 -0.10 2.67 -1.86
N PHE B 117 0.50 1.58 -1.40
CA PHE B 117 1.47 0.87 -2.19
C PHE B 117 0.85 -0.40 -2.73
N LEU B 118 1.03 -0.64 -4.02
CA LEU B 118 0.56 -1.87 -4.64
C LEU B 118 1.79 -2.68 -5.05
N MET B 119 1.62 -3.97 -5.16
CA MET B 119 2.74 -4.83 -5.48
C MET B 119 2.55 -5.42 -6.86
N PRO B 120 3.53 -5.29 -7.75
CA PRO B 120 3.34 -5.76 -9.12
C PRO B 120 3.51 -7.27 -9.18
N SER B 121 3.08 -7.83 -10.29
CA SER B 121 3.33 -9.24 -10.55
C SER B 121 4.83 -9.59 -10.43
N LYS B 122 5.10 -10.84 -10.05
CA LYS B 122 6.48 -11.34 -10.09
C LYS B 122 7.13 -11.07 -11.45
N GLU B 123 6.32 -11.08 -12.52
CA GLU B 123 6.83 -10.90 -13.88
C GLU B 123 7.59 -9.59 -14.04
N TRP B 124 7.16 -8.53 -13.35
CA TRP B 124 7.72 -7.20 -13.51
C TRP B 124 8.49 -6.74 -12.28
N SER B 125 8.73 -7.64 -11.32
CA SER B 125 9.34 -7.26 -10.04
C SER B 125 10.82 -6.97 -10.13
N PHE B 126 11.46 -7.13 -11.29
CA PHE B 126 12.89 -6.94 -11.41
C PHE B 126 13.27 -6.02 -12.56
N ILE B 127 12.34 -5.23 -13.07
CA ILE B 127 12.64 -4.29 -14.14
C ILE B 127 12.37 -2.87 -13.66
N SER B 128 12.89 -1.94 -14.44
CA SER B 128 12.67 -0.52 -14.23
C SER B 128 12.83 0.16 -15.57
N SER B 129 12.31 1.37 -15.68
CA SER B 129 12.49 2.13 -16.91
C SER B 129 13.96 2.25 -17.25
N SER B 130 14.79 2.51 -16.25
CA SER B 130 16.22 2.72 -16.46
C SER B 130 16.90 1.45 -16.97
N LEU B 131 16.58 0.30 -16.36
CA LEU B 131 17.17 -0.97 -16.80
C LEU B 131 16.77 -1.31 -18.23
N VAL B 132 15.49 -1.10 -18.58
CA VAL B 132 15.04 -1.42 -19.94
C VAL B 132 15.75 -0.52 -20.95
N LYS B 133 15.81 0.78 -20.66
CA LYS B 133 16.52 1.71 -21.54
C LYS B 133 17.96 1.26 -21.75
N GLU B 134 18.64 0.88 -20.66
CA GLU B 134 20.03 0.48 -20.79
C GLU B 134 20.16 -0.78 -21.64
N VAL B 135 19.24 -1.73 -21.50
CA VAL B 135 19.26 -2.91 -22.36
C VAL B 135 19.08 -2.50 -23.81
N ALA B 136 18.07 -1.64 -24.08
CA ALA B 136 17.79 -1.18 -25.43
C ALA B 136 18.95 -0.40 -26.02
N ARG B 137 19.71 0.32 -25.18
CA ARG B 137 20.87 1.05 -25.66
C ARG B 137 21.92 0.11 -26.22
N HIS B 138 21.92 -1.14 -25.79
CA HIS B 138 22.82 -2.13 -26.37
C HIS B 138 22.09 -3.07 -27.30
N GLN B 139 20.95 -2.63 -27.85
CA GLN B 139 20.19 -3.34 -28.87
C GLN B 139 19.70 -4.70 -28.39
N GLY B 140 19.48 -4.85 -27.09
CA GLY B 140 18.87 -6.06 -26.60
C GLY B 140 17.35 -6.02 -26.75
N ASP B 141 16.75 -7.20 -26.79
CA ASP B 141 15.32 -7.31 -27.05
C ASP B 141 14.51 -6.96 -25.80
N VAL B 142 13.84 -5.80 -25.80
CA VAL B 142 12.99 -5.44 -24.68
C VAL B 142 11.52 -5.47 -25.04
N THR B 143 11.12 -6.18 -26.11
CA THR B 143 9.71 -6.28 -26.45
C THR B 143 8.89 -6.83 -25.29
N HIS B 144 9.45 -7.75 -24.49
CA HIS B 144 8.63 -8.36 -23.45
C HIS B 144 8.24 -7.40 -22.33
N PHE B 145 8.95 -6.28 -22.17
CA PHE B 145 8.82 -5.42 -21.01
C PHE B 145 7.99 -4.18 -21.25
N LEU B 146 7.65 -3.89 -22.51
CA LEU B 146 7.02 -2.63 -22.89
C LEU B 146 5.77 -2.85 -23.71
N PRO B 147 4.79 -1.95 -23.59
CA PRO B 147 3.69 -1.95 -24.55
C PRO B 147 4.22 -1.71 -25.96
N GLU B 148 3.54 -2.29 -26.95
CA GLU B 148 3.99 -2.24 -28.34
C GLU B 148 4.34 -0.81 -28.77
N ASN B 149 3.42 0.14 -28.55
CA ASN B 149 3.66 1.52 -28.95
C ASN B 149 4.89 2.08 -28.25
N VAL B 150 5.11 1.72 -26.98
CA VAL B 150 6.30 2.18 -26.28
C VAL B 150 7.53 1.53 -26.86
N HIS B 151 7.47 0.21 -27.11
CA HIS B 151 8.60 -0.47 -27.72
C HIS B 151 9.02 0.21 -29.03
N GLN B 152 8.06 0.47 -29.93
CA GLN B 152 8.37 1.18 -31.18
C GLN B 152 9.04 2.53 -30.92
N ALA B 153 8.47 3.34 -30.01
CA ALA B 153 9.02 4.67 -29.78
C ALA B 153 10.43 4.59 -29.22
N LEU B 154 10.69 3.62 -28.34
CA LEU B 154 12.05 3.45 -27.83
C LEU B 154 13.01 3.03 -28.95
N MET B 155 12.56 2.15 -29.85
CA MET B 155 13.35 1.79 -31.01
CA MET B 155 13.35 1.79 -31.01
C MET B 155 13.67 3.00 -31.86
N ALA B 156 12.62 3.72 -32.29
CA ALA B 156 12.79 4.92 -33.12
C ALA B 156 13.73 5.91 -32.47
N LYS B 157 13.56 6.13 -31.16
CA LYS B 157 14.40 7.09 -30.44
C LYS B 157 15.88 6.72 -30.55
N LEU B 158 16.21 5.45 -30.33
CA LEU B 158 17.61 5.05 -30.34
C LEU B 158 18.17 4.82 -31.74
N ALA B 159 17.34 4.79 -32.77
CA ALA B 159 17.83 4.55 -34.12
C ALA B 159 18.67 5.72 -34.65
S SO4 C . 3.11 11.26 9.90
O1 SO4 C . 4.27 11.26 10.78
O2 SO4 C . 2.94 12.56 9.28
O3 SO4 C . 3.34 10.28 8.87
O4 SO4 C . 1.90 10.94 10.65
S SO4 D . 2.38 -6.05 15.06
O1 SO4 D . 2.08 -5.31 16.27
O2 SO4 D . 3.59 -5.49 14.46
O3 SO4 D . 1.25 -5.94 14.13
O4 SO4 D . 2.57 -7.47 15.35
S SO4 E . -0.41 -17.45 5.98
O1 SO4 E . 0.08 -16.92 7.25
O2 SO4 E . 0.57 -17.25 4.92
O3 SO4 E . -0.60 -18.90 6.12
O4 SO4 E . -1.68 -16.80 5.63
S DMS F . -14.98 6.56 1.84
O DMS F . -13.70 6.96 1.15
C1 DMS F . -15.47 4.89 1.33
C2 DMS F . -14.66 6.28 3.60
C1 CWA G . 10.84 14.55 -4.04
C2 CWA G . 10.32 15.68 -3.39
C3 CWA G . 9.17 16.31 -3.90
C12 CWA G . 6.61 14.76 -8.74
C13 CWA G . 8.68 16.19 -8.31
C15 CWA G . 6.61 13.29 -5.18
C17 CWA G . 5.96 11.40 -6.12
C18 CWA G . 6.88 12.04 -6.85
C19 CWA G . 7.42 11.57 -8.17
C10 CWA G . 8.26 14.08 -6.86
C4 CWA G . 10.21 14.02 -5.17
C5 CWA G . 9.04 14.63 -5.66
C6 CWA G . 8.53 15.77 -5.02
C7 CWA G . 7.27 16.36 -5.58
C9 CWA G . 7.60 15.25 -7.65
F20 CWA G . 8.74 11.19 -8.04
F21 CWA G . 6.57 10.63 -8.66
N14 CWA G . 7.26 13.16 -6.31
N16 CWA G . 5.85 12.32 -5.01
O11 CWA G . 6.66 17.14 -4.88
O8 CWA G . 6.77 16.06 -6.78
S SO4 H . 1.95 -12.60 -9.40
O1 SO4 H . 3.24 -13.13 -9.82
O2 SO4 H . 2.26 -11.58 -8.40
O3 SO4 H . 1.24 -12.05 -10.54
O4 SO4 H . 1.11 -13.65 -8.86
S SO4 I . 12.61 18.46 -10.95
O1 SO4 I . 12.44 19.75 -11.59
O2 SO4 I . 13.32 18.68 -9.70
O3 SO4 I . 13.39 17.59 -11.82
O4 SO4 I . 11.32 17.82 -10.70
S SO4 J . 10.60 2.91 -12.61
O1 SO4 J . 11.35 2.66 -11.39
O2 SO4 J . 11.35 3.81 -13.47
O3 SO4 J . 10.43 1.65 -13.34
O4 SO4 J . 9.32 3.55 -12.31
S SO4 K . 9.68 8.18 -10.19
O1 SO4 K . 10.30 7.23 -9.27
O2 SO4 K . 10.71 8.89 -10.93
O3 SO4 K . 8.77 7.49 -11.09
O4 SO4 K . 8.90 9.13 -9.44
S DMS L . -14.61 -0.19 -8.67
O DMS L . -15.54 0.53 -7.74
C1 DMS L . -12.95 0.50 -8.55
C2 DMS L . -14.32 -1.89 -8.11
#